data_2ZCS
#
_entry.id   2ZCS
#
_cell.length_a   80.570
_cell.length_b   80.570
_cell.length_c   90.740
_cell.angle_alpha   90.00
_cell.angle_beta   90.00
_cell.angle_gamma   120.00
#
_symmetry.space_group_name_H-M   'P 32 2 1'
#
loop_
_entity.id
_entity.type
_entity.pdbx_description
1 polymer 'Dehydrosqualene synthase'
2 non-polymer 'tripotassium (1R)-4-biphenyl-4-yl-1-phosphonatobutane-1-sulfonate'
3 water water
#
_entity_poly.entity_id   1
_entity_poly.type   'polypeptide(L)'
_entity_poly.pdbx_seq_one_letter_code
;AAAAAAMTMMDMNFKYCHKIMKKHSKSFSYAFDLLPEDQRKAVWAIYAVCRKIDDSIDVYGDIQFLNQIKEDIQSIEKYP
YEYHHFQSDRRIMMALQHVAQHKNIAFQSFYNLIDTVYKDQHFTMFETDAELFGYCYGVAGTVGEVLTPILSDHETHQTY
DVARRLGESLQLINILRDVGEDFENERIYFSKQRLKQYEVDIAEVYQNGVNNHYIDLWEYYAAIAEKDFRDVMDQIKVFS
IEAQPIIELAARIYIEILDEVRQANYTLHERVFVEKRKKAKLFHEINSKYHRI
;
_entity_poly.pdbx_strand_id   A
#
loop_
_chem_comp.id
_chem_comp.type
_chem_comp.name
_chem_comp.formula
B70 non-polymer 'tripotassium (1R)-4-biphenyl-4-yl-1-phosphonatobutane-1-sulfonate' 'C16 H16 K3 O6 P S'
#
# COMPACT_ATOMS: atom_id res chain seq x y z
N MET A 7 -11.82 27.24 7.21
CA MET A 7 -11.88 25.74 7.13
C MET A 7 -13.25 25.24 7.59
N THR A 8 -13.95 24.48 6.76
CA THR A 8 -15.23 23.91 7.19
C THR A 8 -14.92 22.63 8.02
N MET A 9 -15.95 21.99 8.55
CA MET A 9 -15.77 20.78 9.36
C MET A 9 -15.23 19.69 8.44
N MET A 10 -15.76 19.62 7.23
CA MET A 10 -15.29 18.64 6.27
C MET A 10 -13.81 18.82 5.90
N ASP A 11 -13.35 20.05 5.69
CA ASP A 11 -11.94 20.26 5.37
C ASP A 11 -11.14 19.70 6.52
N MET A 12 -11.63 19.92 7.75
CA MET A 12 -10.92 19.44 8.92
C MET A 12 -10.78 17.91 8.90
N ASN A 13 -11.82 17.21 8.43
CA ASN A 13 -11.78 15.76 8.36
C ASN A 13 -10.68 15.31 7.38
N PHE A 14 -10.65 15.97 6.22
CA PHE A 14 -9.70 15.65 5.21
C PHE A 14 -8.32 16.00 5.67
N LYS A 15 -8.15 17.16 6.30
CA LYS A 15 -6.81 17.54 6.80
C LYS A 15 -6.26 16.47 7.74
N TYR A 16 -7.12 15.91 8.58
CA TYR A 16 -6.74 14.83 9.49
C TYR A 16 -6.34 13.58 8.70
N CYS A 17 -7.11 13.21 7.69
CA CYS A 17 -6.79 12.06 6.82
C CYS A 17 -5.44 12.32 6.18
N HIS A 18 -5.19 13.57 5.83
CA HIS A 18 -3.90 13.87 5.24
C HIS A 18 -2.75 13.63 6.23
N LYS A 19 -2.92 14.09 7.45
CA LYS A 19 -1.94 13.94 8.49
C LYS A 19 -1.63 12.48 8.67
N ILE A 20 -2.65 11.62 8.68
CA ILE A 20 -2.37 10.18 8.85
C ILE A 20 -1.56 9.60 7.68
N MET A 21 -1.86 10.08 6.48
CA MET A 21 -1.18 9.57 5.31
C MET A 21 0.31 9.96 5.31
N LYS A 22 0.56 11.24 5.55
CA LYS A 22 1.91 11.76 5.56
C LYS A 22 2.75 11.18 6.73
N LYS A 23 2.12 10.88 7.86
CA LYS A 23 2.85 10.30 8.96
C LYS A 23 3.22 8.86 8.63
N HIS A 24 2.32 8.10 8.00
CA HIS A 24 2.67 6.72 7.70
C HIS A 24 3.55 6.52 6.46
N SER A 25 3.34 7.30 5.40
CA SER A 25 4.12 7.13 4.15
C SER A 25 4.50 8.43 3.46
N LYS A 26 5.76 8.83 3.63
CA LYS A 26 6.27 10.05 3.02
C LYS A 26 6.35 9.91 1.49
N SER A 27 6.60 8.71 1.00
CA SER A 27 6.70 8.51 -0.45
C SER A 27 5.33 8.71 -1.09
N PHE A 28 4.34 8.00 -0.59
CA PHE A 28 3.02 8.14 -1.17
C PHE A 28 2.48 9.54 -0.97
N SER A 29 2.70 10.13 0.20
CA SER A 29 2.23 11.52 0.38
C SER A 29 2.89 12.43 -0.65
N TYR A 30 4.21 12.29 -0.77
CA TYR A 30 4.97 13.16 -1.68
C TYR A 30 4.38 13.22 -3.06
N ALA A 31 4.07 12.05 -3.59
CA ALA A 31 3.53 11.94 -4.95
C ALA A 31 2.07 12.33 -5.05
N PHE A 32 1.22 11.72 -4.22
CA PHE A 32 -0.20 12.00 -4.32
C PHE A 32 -0.60 13.37 -3.86
N ASP A 33 0.16 14.03 -3.00
CA ASP A 33 -0.24 15.40 -2.68
C ASP A 33 -0.14 16.31 -3.92
N LEU A 34 0.45 15.82 -5.01
CA LEU A 34 0.60 16.64 -6.22
C LEU A 34 -0.63 16.56 -7.14
N LEU A 35 -1.62 15.73 -6.76
CA LEU A 35 -2.85 15.63 -7.59
C LEU A 35 -3.68 16.89 -7.45
N PRO A 36 -4.64 17.09 -8.36
CA PRO A 36 -5.50 18.27 -8.25
C PRO A 36 -6.19 18.11 -6.89
N GLU A 37 -6.68 19.20 -6.31
CA GLU A 37 -7.33 19.21 -5.00
C GLU A 37 -8.42 18.18 -4.74
N ASP A 38 -9.37 18.02 -5.64
CA ASP A 38 -10.43 17.07 -5.32
C ASP A 38 -9.97 15.61 -5.38
N GLN A 39 -9.01 15.30 -6.25
CA GLN A 39 -8.53 13.93 -6.33
C GLN A 39 -7.62 13.63 -5.17
N ARG A 40 -6.73 14.55 -4.78
CA ARG A 40 -5.88 14.22 -3.65
C ARG A 40 -6.66 14.07 -2.32
N LYS A 41 -7.70 14.87 -2.10
CA LYS A 41 -8.54 14.78 -0.89
C LYS A 41 -9.16 13.40 -0.86
N ALA A 42 -9.70 12.93 -1.97
CA ALA A 42 -10.27 11.56 -2.00
C ALA A 42 -9.21 10.50 -1.66
N VAL A 43 -8.00 10.65 -2.20
CA VAL A 43 -6.91 9.73 -1.92
C VAL A 43 -6.52 9.77 -0.47
N TRP A 44 -6.48 10.95 0.12
CA TRP A 44 -6.16 11.02 1.56
C TRP A 44 -7.13 10.17 2.42
N ALA A 45 -8.42 10.28 2.11
CA ALA A 45 -9.49 9.60 2.90
C ALA A 45 -9.42 8.10 2.70
N ILE A 46 -9.28 7.67 1.46
CA ILE A 46 -9.17 6.24 1.20
C ILE A 46 -7.96 5.69 1.90
N TYR A 47 -6.85 6.38 1.79
CA TYR A 47 -5.63 5.94 2.43
C TYR A 47 -5.74 5.87 3.94
N ALA A 48 -6.28 6.92 4.55
CA ALA A 48 -6.44 6.94 6.01
C ALA A 48 -7.32 5.79 6.47
N VAL A 49 -8.39 5.46 5.75
CA VAL A 49 -9.23 4.31 6.06
C VAL A 49 -8.39 3.02 6.03
N CYS A 50 -7.63 2.82 4.96
CA CYS A 50 -6.82 1.61 4.87
C CYS A 50 -5.84 1.57 6.04
N ARG A 51 -5.23 2.70 6.37
CA ARG A 51 -4.30 2.76 7.49
C ARG A 51 -4.90 2.33 8.84
N LYS A 52 -6.12 2.82 9.08
CA LYS A 52 -6.89 2.56 10.30
C LYS A 52 -7.15 1.08 10.35
N ILE A 53 -7.46 0.50 9.20
CA ILE A 53 -7.73 -0.95 9.17
C ILE A 53 -6.43 -1.72 9.50
N ASP A 54 -5.33 -1.37 8.86
CA ASP A 54 -4.07 -2.03 9.11
C ASP A 54 -3.60 -1.97 10.60
N ASP A 55 -3.90 -0.88 11.28
CA ASP A 55 -3.46 -0.70 12.67
C ASP A 55 -4.51 -1.01 13.76
N SER A 56 -5.71 -1.43 13.35
CA SER A 56 -6.79 -1.69 14.27
C SER A 56 -6.57 -2.71 15.37
N ILE A 57 -5.90 -3.83 15.07
CA ILE A 57 -5.72 -4.88 16.07
C ILE A 57 -4.87 -4.48 17.30
N ASP A 58 -4.01 -3.48 17.12
CA ASP A 58 -3.17 -3.08 18.25
C ASP A 58 -3.77 -2.03 19.18
N VAL A 59 -5.02 -1.63 18.98
CA VAL A 59 -5.66 -0.62 19.86
C VAL A 59 -5.93 -1.20 21.28
N TYR A 60 -6.54 -2.39 21.33
CA TYR A 60 -6.80 -3.05 22.62
C TYR A 60 -6.10 -4.40 22.57
N GLY A 61 -5.89 -4.87 21.34
CA GLY A 61 -5.28 -6.17 21.08
C GLY A 61 -6.42 -7.11 20.76
N ASP A 62 -7.47 -6.55 20.14
CA ASP A 62 -8.73 -7.22 19.82
C ASP A 62 -9.24 -6.84 18.44
N ILE A 63 -10.26 -7.54 17.96
CA ILE A 63 -10.84 -7.21 16.68
C ILE A 63 -11.96 -6.16 16.88
N GLN A 64 -12.11 -5.70 18.12
CA GLN A 64 -13.13 -4.73 18.49
C GLN A 64 -13.16 -3.57 17.51
N PHE A 65 -12.10 -2.79 17.52
CA PHE A 65 -12.01 -1.63 16.64
C PHE A 65 -12.18 -1.99 15.13
N LEU A 66 -11.64 -3.16 14.72
CA LEU A 66 -11.78 -3.57 13.31
C LEU A 66 -13.24 -3.86 12.97
N ASN A 67 -13.98 -4.51 13.87
CA ASN A 67 -15.40 -4.77 13.59
C ASN A 67 -16.15 -3.44 13.43
N GLN A 68 -15.78 -2.44 14.21
CA GLN A 68 -16.40 -1.13 14.13
C GLN A 68 -16.13 -0.43 12.81
N ILE A 69 -14.88 -0.45 12.37
CA ILE A 69 -14.55 0.17 11.09
C ILE A 69 -15.39 -0.49 10.01
N LYS A 70 -15.47 -1.82 10.07
CA LYS A 70 -16.20 -2.57 9.06
C LYS A 70 -17.69 -2.19 9.02
N GLU A 71 -18.27 -2.05 10.21
CA GLU A 71 -19.67 -1.68 10.31
C GLU A 71 -19.82 -0.28 9.75
N ASP A 72 -18.84 0.58 10.06
CA ASP A 72 -18.89 1.95 9.54
C ASP A 72 -18.94 1.99 8.01
N ILE A 73 -18.02 1.25 7.38
CA ILE A 73 -17.96 1.19 5.92
C ILE A 73 -19.24 0.61 5.31
N GLN A 74 -19.79 -0.41 5.95
CA GLN A 74 -21.02 -1.04 5.52
C GLN A 74 -22.17 -0.02 5.61
N SER A 75 -22.20 0.81 6.65
CA SER A 75 -23.26 1.85 6.77
C SER A 75 -23.22 2.78 5.55
N ILE A 76 -22.00 3.17 5.14
CA ILE A 76 -21.78 4.06 3.99
C ILE A 76 -22.20 3.44 2.69
N GLU A 77 -21.87 2.18 2.51
CA GLU A 77 -22.21 1.48 1.28
C GLU A 77 -23.72 1.35 1.18
N LYS A 78 -24.36 1.01 2.29
CA LYS A 78 -25.81 0.77 2.29
C LYS A 78 -26.68 2.06 2.20
N TYR A 79 -26.27 3.08 2.93
CA TYR A 79 -26.95 4.37 2.98
C TYR A 79 -25.96 5.52 2.87
N PRO A 80 -25.41 5.72 1.67
CA PRO A 80 -24.42 6.79 1.44
C PRO A 80 -24.90 8.23 1.74
N TYR A 81 -26.22 8.47 1.65
CA TYR A 81 -26.72 9.82 1.93
C TYR A 81 -27.50 9.93 3.26
N GLU A 82 -27.22 9.06 4.22
CA GLU A 82 -27.89 9.14 5.52
C GLU A 82 -26.84 9.54 6.51
N TYR A 83 -27.26 10.19 7.59
CA TYR A 83 -26.31 10.55 8.58
C TYR A 83 -26.05 9.33 9.48
N HIS A 84 -24.77 9.06 9.75
CA HIS A 84 -24.45 7.93 10.57
C HIS A 84 -23.67 8.40 11.76
N HIS A 85 -23.79 7.68 12.86
CA HIS A 85 -23.05 7.94 14.11
C HIS A 85 -22.02 6.87 14.04
N PHE A 86 -20.89 7.21 13.42
CA PHE A 86 -19.80 6.24 13.24
C PHE A 86 -19.21 5.74 14.55
N GLN A 87 -18.91 4.44 14.57
CA GLN A 87 -18.38 3.76 15.75
C GLN A 87 -16.89 3.80 15.84
N SER A 88 -16.19 4.01 14.73
CA SER A 88 -14.71 4.01 14.80
C SER A 88 -14.14 5.41 14.77
N ASP A 89 -13.50 5.77 13.66
CA ASP A 89 -12.92 7.10 13.55
C ASP A 89 -13.81 8.01 12.71
N ARG A 90 -14.59 8.86 13.39
CA ARG A 90 -15.55 9.75 12.73
C ARG A 90 -14.99 10.64 11.64
N ARG A 91 -13.89 11.29 11.92
CA ARG A 91 -13.26 12.19 10.96
C ARG A 91 -12.99 11.47 9.62
N ILE A 92 -12.47 10.26 9.74
CA ILE A 92 -12.14 9.50 8.56
C ILE A 92 -13.39 8.99 7.89
N MET A 93 -14.36 8.51 8.66
CA MET A 93 -15.57 7.98 8.00
C MET A 93 -16.44 9.08 7.34
N MET A 94 -16.48 10.25 7.94
CA MET A 94 -17.23 11.36 7.34
C MET A 94 -16.56 11.68 5.99
N ALA A 95 -15.23 11.71 5.96
CA ALA A 95 -14.51 11.97 4.71
C ALA A 95 -14.74 10.83 3.67
N LEU A 96 -14.69 9.57 4.07
CA LEU A 96 -14.95 8.53 3.09
C LEU A 96 -16.42 8.61 2.61
N GLN A 97 -17.35 8.87 3.52
CA GLN A 97 -18.72 8.96 3.07
C GLN A 97 -18.85 10.12 2.06
N HIS A 98 -18.12 11.20 2.31
CA HIS A 98 -18.15 12.35 1.41
C HIS A 98 -17.65 11.94 0.04
N VAL A 99 -16.52 11.24 0.01
CA VAL A 99 -15.99 10.75 -1.27
C VAL A 99 -17.00 9.78 -1.94
N ALA A 100 -17.58 8.89 -1.14
CA ALA A 100 -18.52 7.88 -1.67
C ALA A 100 -19.73 8.49 -2.31
N GLN A 101 -20.07 9.71 -1.93
CA GLN A 101 -21.23 10.35 -2.53
C GLN A 101 -20.89 10.90 -3.90
N HIS A 102 -19.61 11.03 -4.24
CA HIS A 102 -19.19 11.62 -5.52
C HIS A 102 -18.56 10.63 -6.46
N LYS A 103 -17.95 9.61 -5.88
CA LYS A 103 -17.25 8.61 -6.65
C LYS A 103 -17.73 7.20 -6.35
N ASN A 104 -17.47 6.29 -7.27
CA ASN A 104 -17.85 4.91 -7.10
C ASN A 104 -16.77 4.20 -6.28
N ILE A 105 -17.11 3.70 -5.11
CA ILE A 105 -16.11 3.03 -4.29
C ILE A 105 -16.30 1.51 -4.38
N ALA A 106 -15.20 0.76 -4.54
CA ALA A 106 -15.30 -0.69 -4.56
C ALA A 106 -15.24 -1.20 -3.12
N PHE A 107 -16.40 -1.20 -2.49
CA PHE A 107 -16.47 -1.66 -1.15
C PHE A 107 -15.95 -3.04 -0.90
N GLN A 108 -16.20 -3.96 -1.82
CA GLN A 108 -15.72 -5.34 -1.60
C GLN A 108 -14.20 -5.35 -1.45
N SER A 109 -13.52 -4.40 -2.08
CA SER A 109 -12.07 -4.34 -1.93
C SER A 109 -11.74 -3.93 -0.49
N PHE A 110 -12.49 -3.01 0.15
CA PHE A 110 -12.20 -2.71 1.56
C PHE A 110 -12.48 -3.97 2.39
N TYR A 111 -13.52 -4.71 2.04
CA TYR A 111 -13.83 -5.94 2.80
C TYR A 111 -12.72 -6.99 2.66
N ASN A 112 -12.09 -7.03 1.50
CA ASN A 112 -11.01 -8.01 1.28
C ASN A 112 -9.82 -7.65 2.16
N LEU A 113 -9.52 -6.35 2.25
CA LEU A 113 -8.42 -5.87 3.06
C LEU A 113 -8.71 -6.21 4.54
N ILE A 114 -9.94 -5.95 4.97
CA ILE A 114 -10.34 -6.21 6.35
C ILE A 114 -10.19 -7.71 6.65
N ASP A 115 -10.63 -8.56 5.74
CA ASP A 115 -10.54 -9.98 5.93
C ASP A 115 -9.10 -10.44 5.99
N THR A 116 -8.21 -9.74 5.30
CA THR A 116 -6.81 -10.11 5.29
C THR A 116 -6.20 -9.77 6.67
N VAL A 117 -6.55 -8.60 7.20
CA VAL A 117 -6.05 -8.21 8.49
C VAL A 117 -6.58 -9.13 9.59
N TYR A 118 -7.85 -9.55 9.50
CA TYR A 118 -8.39 -10.50 10.49
C TYR A 118 -7.50 -11.74 10.54
N LYS A 119 -7.25 -12.32 9.35
CA LYS A 119 -6.45 -13.53 9.17
C LYS A 119 -5.05 -13.39 9.69
N ASP A 120 -4.53 -12.18 9.57
CA ASP A 120 -3.17 -11.95 9.98
C ASP A 120 -3.00 -12.14 11.49
N GLN A 121 -4.11 -12.21 12.21
CA GLN A 121 -4.05 -12.46 13.65
C GLN A 121 -3.64 -13.91 13.92
N HIS A 122 -3.86 -14.80 12.96
CA HIS A 122 -3.48 -16.20 13.11
C HIS A 122 -2.44 -16.53 12.07
N PHE A 123 -1.51 -15.60 11.82
CA PHE A 123 -0.45 -15.76 10.83
C PHE A 123 0.37 -17.03 10.87
N THR A 124 0.61 -17.59 9.69
CA THR A 124 1.46 -18.75 9.55
C THR A 124 2.12 -18.46 8.22
N MET A 125 3.41 -18.77 8.13
CA MET A 125 4.21 -18.54 6.94
C MET A 125 3.56 -19.14 5.71
N PHE A 126 3.77 -18.46 4.60
CA PHE A 126 3.27 -18.85 3.31
C PHE A 126 4.05 -20.05 2.85
N GLU A 127 3.31 -21.09 2.43
CA GLU A 127 3.95 -22.30 1.97
C GLU A 127 4.52 -22.05 0.59
N THR A 128 3.79 -21.26 -0.20
CA THR A 128 4.18 -21.00 -1.60
C THR A 128 4.12 -19.56 -1.99
N ASP A 129 4.74 -19.23 -3.12
CA ASP A 129 4.71 -17.86 -3.59
C ASP A 129 3.25 -17.46 -3.92
N ALA A 130 2.44 -18.43 -4.32
CA ALA A 130 1.01 -18.12 -4.62
C ALA A 130 0.34 -17.59 -3.37
N GLU A 131 0.70 -18.11 -2.21
CA GLU A 131 0.05 -17.56 -1.01
C GLU A 131 0.58 -16.16 -0.67
N LEU A 132 1.86 -15.92 -0.94
CA LEU A 132 2.46 -14.62 -0.67
C LEU A 132 1.82 -13.55 -1.59
N PHE A 133 1.67 -13.89 -2.88
CA PHE A 133 1.06 -12.97 -3.84
C PHE A 133 -0.44 -12.76 -3.47
N GLY A 134 -1.07 -13.79 -2.90
CA GLY A 134 -2.44 -13.66 -2.45
C GLY A 134 -2.54 -12.67 -1.31
N TYR A 135 -1.48 -12.66 -0.50
CA TYR A 135 -1.40 -11.76 0.62
C TYR A 135 -1.19 -10.33 0.12
N CYS A 136 -0.33 -10.17 -0.89
CA CYS A 136 -0.04 -8.88 -1.50
C CYS A 136 -1.31 -8.32 -2.12
N TYR A 137 -2.10 -9.17 -2.74
CA TYR A 137 -3.39 -8.71 -3.27
C TYR A 137 -4.23 -8.18 -2.11
N GLY A 138 -4.34 -8.99 -1.07
CA GLY A 138 -5.16 -8.60 0.06
C GLY A 138 -4.81 -7.33 0.79
N VAL A 139 -3.53 -7.04 1.00
CA VAL A 139 -3.22 -5.84 1.76
C VAL A 139 -2.93 -4.67 0.91
N ALA A 140 -2.68 -4.87 -0.36
CA ALA A 140 -2.31 -3.72 -1.20
C ALA A 140 -2.97 -3.74 -2.58
N GLY A 141 -3.14 -4.89 -3.22
CA GLY A 141 -3.82 -4.89 -4.52
C GLY A 141 -5.22 -4.28 -4.30
N THR A 142 -5.78 -4.59 -3.13
CA THR A 142 -7.10 -4.06 -2.73
C THR A 142 -7.10 -2.55 -2.67
N VAL A 143 -5.98 -2.01 -2.19
CA VAL A 143 -5.86 -0.58 -2.07
C VAL A 143 -5.80 0.05 -3.46
N GLY A 144 -5.07 -0.58 -4.37
CA GLY A 144 -5.06 -0.05 -5.75
C GLY A 144 -6.48 -0.09 -6.36
N GLU A 145 -7.23 -1.11 -5.98
CA GLU A 145 -8.62 -1.24 -6.46
C GLU A 145 -9.50 -0.07 -6.00
N VAL A 146 -9.48 0.23 -4.71
CA VAL A 146 -10.29 1.31 -4.17
C VAL A 146 -9.90 2.67 -4.73
N LEU A 147 -8.60 2.89 -5.06
CA LEU A 147 -8.15 4.18 -5.65
C LEU A 147 -8.44 4.35 -7.12
N THR A 148 -8.73 3.26 -7.80
CA THR A 148 -8.94 3.24 -9.22
C THR A 148 -9.92 4.29 -9.77
N PRO A 149 -11.14 4.42 -9.20
CA PRO A 149 -12.09 5.42 -9.72
C PRO A 149 -11.59 6.85 -9.50
N ILE A 150 -10.70 7.01 -8.55
CA ILE A 150 -10.18 8.33 -8.30
C ILE A 150 -9.11 8.75 -9.32
N LEU A 151 -8.34 7.80 -9.80
CA LEU A 151 -7.23 8.09 -10.68
C LEU A 151 -7.50 7.86 -12.14
N SER A 152 -8.76 7.63 -12.50
CA SER A 152 -9.07 7.36 -13.91
C SER A 152 -10.42 7.91 -14.35
N ASP A 153 -10.53 8.28 -15.63
CA ASP A 153 -11.74 8.87 -16.23
C ASP A 153 -12.87 7.88 -16.46
N HIS A 154 -12.50 6.70 -16.94
CA HIS A 154 -13.47 5.66 -17.25
C HIS A 154 -12.79 4.35 -16.88
N GLU A 155 -13.12 3.78 -15.72
CA GLU A 155 -12.45 2.56 -15.37
C GLU A 155 -12.92 1.37 -16.20
N THR A 156 -12.00 0.50 -16.55
CA THR A 156 -12.33 -0.73 -17.27
C THR A 156 -11.65 -1.80 -16.44
N HIS A 157 -11.82 -3.05 -16.84
CA HIS A 157 -11.18 -4.09 -16.13
C HIS A 157 -9.65 -3.87 -16.19
N GLN A 158 -9.18 -3.23 -17.27
CA GLN A 158 -7.76 -2.98 -17.41
C GLN A 158 -7.21 -2.02 -16.35
N THR A 159 -8.01 -0.99 -16.02
CA THR A 159 -7.63 0.02 -15.07
C THR A 159 -7.42 -0.62 -13.71
N TYR A 160 -8.36 -1.48 -13.34
CA TYR A 160 -8.26 -2.21 -12.09
C TYR A 160 -7.11 -3.19 -12.11
N ASP A 161 -6.88 -3.84 -13.24
CA ASP A 161 -5.82 -4.79 -13.37
C ASP A 161 -4.48 -4.16 -13.05
N VAL A 162 -4.23 -3.03 -13.71
CA VAL A 162 -3.00 -2.27 -13.59
C VAL A 162 -2.78 -1.72 -12.16
N ALA A 163 -3.81 -1.08 -11.61
CA ALA A 163 -3.78 -0.53 -10.25
C ALA A 163 -3.50 -1.62 -9.22
N ARG A 164 -4.11 -2.77 -9.43
CA ARG A 164 -3.96 -3.95 -8.59
C ARG A 164 -2.50 -4.46 -8.66
N ARG A 165 -2.00 -4.59 -9.88
CA ARG A 165 -0.63 -5.04 -10.11
C ARG A 165 0.35 -4.06 -9.52
N LEU A 166 0.08 -2.77 -9.66
CA LEU A 166 1.00 -1.80 -9.08
C LEU A 166 1.01 -1.98 -7.56
N GLY A 167 -0.18 -1.99 -6.96
CA GLY A 167 -0.31 -2.20 -5.54
C GLY A 167 0.43 -3.43 -5.04
N GLU A 168 0.34 -4.52 -5.78
CA GLU A 168 1.01 -5.72 -5.31
C GLU A 168 2.53 -5.65 -5.40
N SER A 169 3.02 -4.97 -6.44
CA SER A 169 4.44 -4.70 -6.65
C SER A 169 5.03 -3.81 -5.52
N LEU A 170 4.29 -2.78 -5.13
CA LEU A 170 4.72 -1.90 -4.09
C LEU A 170 4.78 -2.68 -2.75
N GLN A 171 3.78 -3.53 -2.51
CA GLN A 171 3.82 -4.33 -1.28
C GLN A 171 5.08 -5.24 -1.28
N LEU A 172 5.36 -5.89 -2.40
CA LEU A 172 6.56 -6.77 -2.51
C LEU A 172 7.84 -5.95 -2.22
N ILE A 173 7.91 -4.71 -2.74
CA ILE A 173 9.03 -3.82 -2.49
C ILE A 173 9.14 -3.49 -1.00
N ASN A 174 8.00 -3.30 -0.31
CA ASN A 174 7.97 -3.03 1.14
C ASN A 174 8.48 -4.27 1.89
N ILE A 175 7.99 -5.43 1.51
CA ILE A 175 8.42 -6.70 2.12
C ILE A 175 9.95 -6.87 2.06
N LEU A 176 10.48 -6.53 0.91
CA LEU A 176 11.91 -6.58 0.62
C LEU A 176 12.73 -5.54 1.39
N ARG A 177 12.12 -4.40 1.72
CA ARG A 177 12.83 -3.38 2.47
C ARG A 177 12.78 -3.73 3.94
N ASP A 178 11.73 -4.42 4.36
CA ASP A 178 11.51 -4.69 5.75
C ASP A 178 11.85 -6.06 6.28
N VAL A 179 12.58 -6.88 5.54
CA VAL A 179 12.91 -8.21 6.04
C VAL A 179 13.31 -8.29 7.54
N GLY A 180 14.26 -7.46 7.95
CA GLY A 180 14.73 -7.52 9.34
C GLY A 180 13.74 -7.06 10.39
N GLU A 181 13.10 -5.93 10.13
CA GLU A 181 12.07 -5.42 11.05
C GLU A 181 10.92 -6.40 11.18
N ASP A 182 10.46 -6.98 10.07
CA ASP A 182 9.36 -7.96 10.14
C ASP A 182 9.77 -9.20 10.95
N PHE A 183 11.00 -9.65 10.75
CA PHE A 183 11.48 -10.81 11.50
C PHE A 183 11.37 -10.51 13.02
N GLU A 184 11.83 -9.35 13.46
CA GLU A 184 11.77 -8.97 14.89
C GLU A 184 10.32 -9.06 15.41
N ASN A 185 9.36 -8.88 14.50
CA ASN A 185 7.97 -8.93 14.92
C ASN A 185 7.40 -10.30 14.59
N GLU A 186 8.31 -11.26 14.44
CA GLU A 186 7.92 -12.62 14.17
C GLU A 186 7.13 -12.86 12.88
N ARG A 187 7.51 -12.16 11.83
CA ARG A 187 6.84 -12.32 10.55
C ARG A 187 7.88 -12.56 9.46
N ILE A 188 7.68 -13.60 8.66
CA ILE A 188 8.58 -13.81 7.52
C ILE A 188 7.60 -13.94 6.35
N TYR A 189 7.83 -13.18 5.29
CA TYR A 189 6.91 -13.17 4.15
C TYR A 189 7.38 -13.95 2.96
N PHE A 190 8.68 -14.25 2.92
CA PHE A 190 9.21 -15.07 1.81
C PHE A 190 8.56 -16.41 2.00
N SER A 191 8.23 -17.12 0.91
CA SER A 191 7.57 -18.40 1.06
C SER A 191 8.51 -19.56 1.50
N LYS A 192 7.98 -20.54 2.23
CA LYS A 192 8.78 -21.69 2.67
C LYS A 192 9.37 -22.41 1.44
N GLN A 193 8.57 -22.51 0.39
CA GLN A 193 9.03 -23.12 -0.84
C GLN A 193 10.32 -22.46 -1.32
N ARG A 194 10.27 -21.14 -1.44
CA ARG A 194 11.40 -20.39 -1.92
C ARG A 194 12.59 -20.36 -0.93
N LEU A 195 12.32 -20.28 0.35
CA LEU A 195 13.37 -20.25 1.36
C LEU A 195 14.16 -21.56 1.31
N LYS A 196 13.45 -22.68 1.11
CA LYS A 196 14.07 -23.99 1.04
C LYS A 196 14.85 -24.14 -0.24
N GLN A 197 14.25 -23.73 -1.34
CA GLN A 197 14.93 -23.83 -2.61
C GLN A 197 16.26 -23.13 -2.58
N TYR A 198 16.27 -21.88 -2.14
CA TYR A 198 17.46 -21.08 -2.06
C TYR A 198 18.27 -21.38 -0.80
N GLU A 199 17.80 -22.29 0.03
CA GLU A 199 18.53 -22.62 1.25
C GLU A 199 18.78 -21.39 2.13
N VAL A 200 17.71 -20.73 2.56
CA VAL A 200 17.85 -19.54 3.39
C VAL A 200 17.13 -19.72 4.69
N ASP A 201 17.75 -19.28 5.78
CA ASP A 201 17.09 -19.33 7.07
C ASP A 201 17.15 -17.89 7.58
N ILE A 202 16.00 -17.21 7.57
CA ILE A 202 15.97 -15.82 7.99
C ILE A 202 16.54 -15.57 9.39
N ALA A 203 16.22 -16.37 10.39
CA ALA A 203 16.79 -16.11 11.71
C ALA A 203 18.34 -16.26 11.66
N GLU A 204 18.83 -17.20 10.83
CA GLU A 204 20.27 -17.41 10.73
C GLU A 204 20.90 -16.16 10.11
N VAL A 205 20.25 -15.62 9.07
CA VAL A 205 20.79 -14.41 8.39
C VAL A 205 20.64 -13.16 9.27
N TYR A 206 19.57 -13.07 10.04
CA TYR A 206 19.42 -11.89 10.88
C TYR A 206 20.56 -11.89 11.89
N GLN A 207 21.01 -13.08 12.27
CA GLN A 207 22.06 -13.21 13.25
C GLN A 207 23.47 -13.11 12.67
N ASN A 208 23.71 -13.73 11.53
CA ASN A 208 25.05 -13.74 10.95
C ASN A 208 25.33 -12.91 9.77
N GLY A 209 24.35 -12.17 9.27
CA GLY A 209 24.64 -11.35 8.12
C GLY A 209 24.21 -11.97 6.82
N VAL A 210 24.21 -11.16 5.77
CA VAL A 210 23.78 -11.66 4.51
C VAL A 210 24.78 -12.68 3.99
N ASN A 211 24.47 -13.27 2.85
CA ASN A 211 25.32 -14.24 2.17
C ASN A 211 24.75 -14.41 0.77
N ASN A 212 25.45 -15.12 -0.09
CA ASN A 212 25.00 -15.30 -1.45
C ASN A 212 23.66 -16.00 -1.60
N HIS A 213 23.33 -16.94 -0.73
CA HIS A 213 22.03 -17.57 -0.85
C HIS A 213 20.94 -16.51 -0.65
N TYR A 214 21.00 -15.84 0.50
CA TYR A 214 20.04 -14.80 0.84
C TYR A 214 19.91 -13.75 -0.28
N ILE A 215 21.03 -13.23 -0.69
CA ILE A 215 21.03 -12.22 -1.75
C ILE A 215 20.32 -12.71 -2.99
N ASP A 216 20.59 -13.95 -3.38
CA ASP A 216 19.96 -14.52 -4.57
C ASP A 216 18.44 -14.59 -4.39
N LEU A 217 18.02 -15.01 -3.23
CA LEU A 217 16.61 -15.12 -2.94
C LEU A 217 15.94 -13.74 -2.88
N TRP A 218 16.62 -12.77 -2.27
CA TRP A 218 16.10 -11.43 -2.21
C TRP A 218 15.99 -10.88 -3.64
N GLU A 219 17.00 -11.14 -4.48
CA GLU A 219 16.99 -10.64 -5.86
C GLU A 219 16.00 -11.33 -6.76
N TYR A 220 15.59 -12.54 -6.38
CA TYR A 220 14.62 -13.30 -7.15
C TYR A 220 13.28 -12.56 -7.04
N TYR A 221 12.93 -12.15 -5.82
CA TYR A 221 11.68 -11.40 -5.58
C TYR A 221 11.76 -9.99 -6.13
N ALA A 222 12.93 -9.34 -6.00
CA ALA A 222 13.04 -8.00 -6.56
C ALA A 222 12.82 -7.99 -8.07
N ALA A 223 13.25 -9.05 -8.74
CA ALA A 223 13.08 -9.11 -10.22
C ALA A 223 11.57 -9.26 -10.51
N ILE A 224 10.85 -9.98 -9.66
CA ILE A 224 9.41 -10.04 -9.88
C ILE A 224 8.86 -8.61 -9.74
N ALA A 225 9.23 -7.92 -8.65
CA ALA A 225 8.71 -6.57 -8.45
C ALA A 225 9.08 -5.68 -9.62
N GLU A 226 10.34 -5.72 -10.03
CA GLU A 226 10.73 -4.86 -11.14
C GLU A 226 10.00 -5.16 -12.46
N LYS A 227 9.77 -6.43 -12.79
CA LYS A 227 9.09 -6.73 -14.04
C LYS A 227 7.64 -6.24 -13.95
N ASP A 228 7.00 -6.46 -12.81
CA ASP A 228 5.64 -5.98 -12.68
C ASP A 228 5.59 -4.46 -12.77
N PHE A 229 6.62 -3.78 -12.30
CA PHE A 229 6.66 -2.31 -12.36
C PHE A 229 6.68 -1.79 -13.78
N ARG A 230 7.49 -2.43 -14.62
CA ARG A 230 7.59 -2.05 -16.04
C ARG A 230 6.30 -2.35 -16.76
N ASP A 231 5.65 -3.46 -16.45
CA ASP A 231 4.41 -3.76 -17.14
C ASP A 231 3.36 -2.72 -16.76
N VAL A 232 3.40 -2.25 -15.53
CA VAL A 232 2.47 -1.21 -15.15
C VAL A 232 2.86 0.08 -15.86
N MET A 233 4.18 0.34 -15.95
CA MET A 233 4.59 1.58 -16.59
C MET A 233 4.15 1.59 -18.04
N ASP A 234 4.20 0.44 -18.71
CA ASP A 234 3.79 0.40 -20.11
C ASP A 234 2.28 0.59 -20.26
N GLN A 235 1.52 0.47 -19.18
CA GLN A 235 0.09 0.65 -19.28
C GLN A 235 -0.43 1.83 -18.48
N ILE A 236 0.47 2.79 -18.25
CA ILE A 236 0.19 3.98 -17.46
C ILE A 236 -0.98 4.80 -17.98
N LYS A 237 -1.31 4.60 -19.24
CA LYS A 237 -2.36 5.39 -19.90
C LYS A 237 -3.78 5.08 -19.52
N VAL A 238 -3.98 3.96 -18.83
CA VAL A 238 -5.31 3.60 -18.39
C VAL A 238 -5.74 4.64 -17.40
N PHE A 239 -4.77 5.37 -16.84
CA PHE A 239 -5.07 6.38 -15.84
C PHE A 239 -5.32 7.75 -16.45
N SER A 240 -6.01 8.61 -15.71
CA SER A 240 -6.31 9.95 -16.23
C SER A 240 -5.01 10.67 -16.48
N ILE A 241 -5.09 11.68 -17.34
CA ILE A 241 -3.91 12.43 -17.70
C ILE A 241 -3.19 13.09 -16.55
N GLU A 242 -3.92 13.71 -15.63
CA GLU A 242 -3.27 14.37 -14.50
C GLU A 242 -2.64 13.37 -13.50
N ALA A 243 -3.18 12.16 -13.45
CA ALA A 243 -2.67 11.17 -12.52
C ALA A 243 -1.47 10.38 -13.02
N GLN A 244 -1.39 10.21 -14.33
CA GLN A 244 -0.29 9.46 -14.90
C GLN A 244 1.08 9.82 -14.34
N PRO A 245 1.51 11.09 -14.47
CA PRO A 245 2.84 11.46 -13.92
C PRO A 245 2.98 11.25 -12.40
N ILE A 246 1.88 11.37 -11.67
CA ILE A 246 1.86 11.23 -10.22
C ILE A 246 2.06 9.79 -9.86
N ILE A 247 1.34 8.91 -10.55
CA ILE A 247 1.46 7.47 -10.34
C ILE A 247 2.83 7.01 -10.75
N GLU A 248 3.39 7.60 -11.80
CA GLU A 248 4.76 7.23 -12.22
C GLU A 248 5.77 7.64 -11.11
N LEU A 249 5.58 8.80 -10.56
CA LEU A 249 6.47 9.24 -9.50
C LEU A 249 6.32 8.32 -8.29
N ALA A 250 5.07 8.01 -7.94
CA ALA A 250 4.82 7.12 -6.80
C ALA A 250 5.58 5.81 -7.03
N ALA A 251 5.39 5.21 -8.19
CA ALA A 251 6.04 3.96 -8.51
C ALA A 251 7.58 4.05 -8.57
N ARG A 252 8.12 5.14 -9.09
CA ARG A 252 9.56 5.29 -9.17
C ARG A 252 10.17 5.50 -7.79
N ILE A 253 9.53 6.36 -7.02
CA ILE A 253 10.00 6.65 -5.67
C ILE A 253 10.05 5.33 -4.89
N TYR A 254 9.06 4.47 -5.11
CA TYR A 254 8.99 3.23 -4.38
C TYR A 254 9.98 2.19 -4.90
N ILE A 255 10.19 2.20 -6.21
CA ILE A 255 11.11 1.26 -6.85
C ILE A 255 12.55 1.56 -6.37
N GLU A 256 12.88 2.84 -6.27
CA GLU A 256 14.18 3.29 -5.83
C GLU A 256 14.58 2.66 -4.50
N ILE A 257 13.58 2.22 -3.72
CA ILE A 257 13.84 1.58 -2.44
C ILE A 257 14.72 0.33 -2.66
N LEU A 258 14.58 -0.31 -3.82
CA LEU A 258 15.35 -1.50 -4.12
C LEU A 258 16.85 -1.17 -4.18
N ASP A 259 17.20 -0.12 -4.93
CA ASP A 259 18.58 0.29 -4.99
C ASP A 259 19.08 0.66 -3.60
N GLU A 260 18.26 1.36 -2.81
CA GLU A 260 18.66 1.72 -1.47
C GLU A 260 19.02 0.49 -0.65
N VAL A 261 18.21 -0.58 -0.72
CA VAL A 261 18.49 -1.79 0.06
C VAL A 261 19.85 -2.38 -0.31
N ARG A 262 20.09 -2.47 -1.63
CA ARG A 262 21.35 -3.01 -2.17
C ARG A 262 22.53 -2.19 -1.64
N GLN A 263 22.46 -0.88 -1.84
CA GLN A 263 23.53 -0.02 -1.37
C GLN A 263 23.78 -0.15 0.13
N ALA A 264 22.85 -0.71 0.89
CA ALA A 264 23.07 -0.88 2.33
C ALA A 264 23.41 -2.33 2.59
N ASN A 265 23.75 -3.03 1.52
CA ASN A 265 24.10 -4.44 1.62
C ASN A 265 23.01 -5.39 2.16
N TYR A 266 21.75 -5.12 1.79
CA TYR A 266 20.67 -6.01 2.16
C TYR A 266 20.56 -6.11 3.67
N THR A 267 20.94 -5.04 4.37
CA THR A 267 20.94 -5.11 5.80
C THR A 267 19.59 -5.41 6.38
N LEU A 268 19.64 -6.25 7.40
CA LEU A 268 18.48 -6.69 8.11
C LEU A 268 18.37 -5.98 9.42
N HIS A 269 19.12 -4.91 9.62
CA HIS A 269 19.05 -4.27 10.92
C HIS A 269 18.69 -2.81 10.93
N GLU A 270 18.33 -2.30 9.76
CA GLU A 270 17.84 -0.94 9.70
C GLU A 270 16.90 -0.82 8.51
N ARG A 271 16.07 0.23 8.55
CA ARG A 271 15.14 0.52 7.47
C ARG A 271 15.77 1.52 6.49
N VAL A 272 16.03 1.12 5.26
CA VAL A 272 16.60 2.07 4.31
C VAL A 272 15.52 3.01 3.77
N PHE A 273 15.92 4.12 3.15
CA PHE A 273 14.91 5.04 2.61
C PHE A 273 15.38 5.86 1.41
N VAL A 274 14.47 6.43 0.64
CA VAL A 274 14.85 7.29 -0.48
C VAL A 274 14.74 8.70 0.09
N GLU A 275 15.91 9.32 0.26
CA GLU A 275 15.98 10.68 0.80
C GLU A 275 14.95 11.55 0.11
N LYS A 276 14.45 12.59 0.81
CA LYS A 276 13.51 13.52 0.16
C LYS A 276 14.12 14.22 -1.11
N ARG A 277 15.43 14.46 -1.04
CA ARG A 277 16.12 15.12 -2.16
C ARG A 277 16.05 14.24 -3.43
N LYS A 278 16.19 12.93 -3.27
CA LYS A 278 16.09 11.99 -4.39
C LYS A 278 14.66 11.95 -4.94
N LYS A 279 13.68 12.14 -4.07
CA LYS A 279 12.30 12.15 -4.53
C LYS A 279 12.10 13.33 -5.47
N ALA A 280 12.71 14.45 -5.14
CA ALA A 280 12.56 15.64 -5.99
C ALA A 280 13.28 15.41 -7.32
N LYS A 281 14.41 14.73 -7.27
CA LYS A 281 15.13 14.42 -8.52
C LYS A 281 14.23 13.58 -9.44
N LEU A 282 13.61 12.52 -8.90
CA LEU A 282 12.73 11.67 -9.72
C LEU A 282 11.58 12.48 -10.26
N PHE A 283 11.09 13.41 -9.45
CA PHE A 283 9.99 14.22 -9.90
C PHE A 283 10.45 15.07 -11.08
N HIS A 284 11.68 15.56 -11.01
CA HIS A 284 12.21 16.40 -12.08
C HIS A 284 12.21 15.57 -13.34
N GLU A 285 12.78 14.37 -13.27
CA GLU A 285 12.87 13.45 -14.41
C GLU A 285 11.52 13.19 -15.04
N ILE A 286 10.56 12.77 -14.21
CA ILE A 286 9.24 12.48 -14.72
C ILE A 286 8.54 13.72 -15.29
N ASN A 287 8.53 14.81 -14.54
CA ASN A 287 7.87 16.01 -14.99
C ASN A 287 8.46 16.50 -16.33
N SER A 288 9.67 16.03 -16.66
CA SER A 288 10.31 16.43 -17.90
C SER A 288 9.66 15.79 -19.12
N LYS A 289 9.09 14.59 -18.97
CA LYS A 289 8.46 13.98 -20.12
C LYS A 289 7.00 14.28 -20.16
N TYR A 290 6.50 14.87 -19.09
CA TYR A 290 5.09 15.26 -19.08
C TYR A 290 5.10 16.77 -19.14
CAJ B70 B . -1.30 3.76 -5.96
CAH B70 B . -1.73 4.30 -7.17
CAG B70 B . -2.28 3.48 -8.14
CAI B70 B . -2.41 2.11 -7.90
CAK B70 B . -1.98 1.58 -6.69
CAT B70 B . -1.42 2.41 -5.72
CAU B70 B . -1.06 1.87 -4.48
CAO B70 B . -1.55 0.62 -4.10
CAM B70 B . -1.19 0.07 -2.88
CAN B70 B . -0.23 2.57 -3.62
CAL B70 B . 0.14 2.01 -2.39
CAS B70 B . -0.34 0.76 -2.02
CAQ B70 B . 0.08 0.12 -0.69
CAP B70 B . 1.60 0.00 -0.59
CAR B70 B . 2.04 -0.71 0.69
CAV B70 B . 1.62 0.05 1.95
PAW B70 B . 2.42 1.70 2.02
OAB B70 B . 2.90 1.95 3.54
OAC B70 B . 3.76 1.57 1.15
OAA B70 B . 1.51 2.77 1.53
SAX B70 B . 2.00 -0.90 3.47
OAF B70 B . 1.14 -2.04 3.55
OAE B70 B . 1.77 -0.05 4.69
OAD B70 B . 3.43 -1.35 3.45
#